data_4BXD
#
_entry.id   4BXD
#
_cell.length_a   101.186
_cell.length_b   101.186
_cell.length_c   162.261
_cell.angle_alpha   90.00
_cell.angle_beta   90.00
_cell.angle_gamma   90.00
#
_symmetry.space_group_name_H-M   'P 41 21 2'
#
loop_
_entity.id
_entity.type
_entity.pdbx_description
1 polymer AMPDH3
2 polymer PEPTIDE
3 branched '2-acetamido-2-deoxy-beta-D-glucopyranose-(1-4)-2-acetamido-2-deoxy-beta-D-glucopyranose-(1-4)-methyl 2-acetamido-2-deoxy-beta-D-glucopyranoside'
4 non-polymer 'ZINC ION'
5 water water
#
loop_
_entity_poly.entity_id
_entity_poly.type
_entity_poly.pdbx_seq_one_letter_code
_entity_poly.pdbx_strand_id
1 'polypeptide(L)'
;MLTIDYNSYRTTTPYGKRVRFLVLHYTALDFAASVKALTTGAASAHYLIPAPHDPSYKAAGFKGQRIFNLVAEEDRAWHA
GVSGWARRDNLNDTSIGIEIVNLARDDDGVFTFPDYERSQINALKQLAKNILQRYPDMTPKNVVGHSDIAVGRKSDPGPK
LPWKELYEAGIGAWYDDATRDRYREGFERDGLPPRADLLEAFRLYGYALPATVDDAYFASLLRAFQMHFRPENYDGALDV
ETAAILYALNEKYPA
;
A,B
2 'polypeptide(L)' A(FGA)(6CL)(DAL) C,D
#
loop_
_chem_comp.id
_chem_comp.type
_chem_comp.name
_chem_comp.formula
FGA D-gamma-peptide, C-delta linking 'GAMMA-D-GLUTAMIC ACID' 'C5 H9 N O4'
MAG D-saccharide 'methyl 2-acetamido-2-deoxy-beta-D-glucopyranoside' 'C9 H17 N O6'
NAG D-saccharide, beta linking 2-acetamido-2-deoxy-beta-D-glucopyranose 'C8 H15 N O6'
ZN non-polymer 'ZINC ION' 'Zn 2'
#
# COMPACT_ATOMS: atom_id res chain seq x y z
N MET A 1 -9.16 23.94 22.44
CA MET A 1 -9.68 22.54 22.40
C MET A 1 -8.50 21.62 22.72
N LEU A 2 -8.43 20.47 22.08
CA LEU A 2 -7.23 19.67 22.16
C LEU A 2 -6.29 19.97 21.02
N THR A 3 -5.15 20.61 21.27
CA THR A 3 -4.07 20.60 20.29
C THR A 3 -3.24 19.34 20.51
N ILE A 4 -2.27 19.09 19.63
CA ILE A 4 -1.61 17.80 19.61
C ILE A 4 -0.18 17.89 20.05
N ASP A 5 0.37 16.81 20.58
CA ASP A 5 1.71 16.87 21.12
C ASP A 5 2.66 16.15 20.27
N TYR A 6 3.33 16.94 19.46
CA TYR A 6 4.21 16.43 18.46
C TYR A 6 5.58 16.37 19.04
N ASN A 7 5.73 16.83 20.29
CA ASN A 7 7.03 17.01 20.88
C ASN A 7 7.29 16.16 22.06
N SER A 8 6.28 15.51 22.60
CA SER A 8 6.54 14.84 23.84
C SER A 8 7.15 13.50 23.63
N TYR A 9 6.66 12.79 22.63
CA TYR A 9 7.13 11.45 22.42
C TYR A 9 7.23 11.32 20.95
N ARG A 10 8.35 10.77 20.48
CA ARG A 10 8.54 10.56 19.06
C ARG A 10 9.12 9.19 18.75
N THR A 11 8.49 8.50 17.81
CA THR A 11 8.93 7.19 17.45
C THR A 11 10.20 7.33 16.71
N THR A 12 11.19 6.58 17.17
CA THR A 12 12.47 6.55 16.52
C THR A 12 12.53 5.33 15.68
N THR A 13 12.75 4.21 16.33
CA THR A 13 13.18 3.07 15.59
C THR A 13 12.11 2.34 14.81
N PRO A 14 11.01 1.96 15.47
CA PRO A 14 10.04 1.02 14.95
C PRO A 14 9.02 1.62 13.98
N TYR A 15 9.44 2.48 13.08
CA TYR A 15 8.53 3.01 12.07
C TYR A 15 9.30 3.09 10.80
N GLY A 16 8.61 3.36 9.69
CA GLY A 16 9.25 3.35 8.41
C GLY A 16 8.76 4.48 7.54
N LYS A 17 9.21 4.50 6.28
CA LYS A 17 8.72 5.50 5.36
C LYS A 17 7.55 4.90 4.67
N ARG A 18 6.75 5.76 4.09
CA ARG A 18 5.52 5.32 3.52
C ARG A 18 5.82 4.65 2.18
N VAL A 19 6.85 5.12 1.49
CA VAL A 19 7.19 4.71 0.14
C VAL A 19 8.38 3.75 0.10
N ARG A 20 8.34 2.75 -0.75
CA ARG A 20 9.50 1.87 -0.84
C ARG A 20 9.81 1.41 -2.24
N PHE A 21 9.05 1.86 -3.23
CA PHE A 21 9.37 1.58 -4.62
C PHE A 21 9.43 2.83 -5.44
N LEU A 22 10.19 2.74 -6.52
CA LEU A 22 10.28 3.78 -7.52
C LEU A 22 10.09 3.13 -8.87
N VAL A 23 9.13 3.62 -9.64
CA VAL A 23 8.74 2.96 -10.87
C VAL A 23 8.98 3.87 -12.06
N LEU A 24 9.34 3.29 -13.20
CA LEU A 24 9.68 4.09 -14.36
C LEU A 24 8.79 3.74 -15.53
N HIS A 25 8.23 4.75 -16.15
CA HIS A 25 7.50 4.54 -17.31
C HIS A 25 7.82 5.51 -18.36
N TYR A 26 7.54 5.17 -19.59
CA TYR A 26 7.68 6.07 -20.67
C TYR A 26 6.30 6.42 -21.00
N THR A 27 6.08 7.54 -21.61
CA THR A 27 4.74 7.99 -21.90
C THR A 27 4.26 7.44 -23.20
N ALA A 28 5.06 7.56 -24.21
CA ALA A 28 4.59 7.19 -25.55
C ALA A 28 3.78 8.30 -26.10
N LEU A 29 3.93 9.48 -25.54
CA LEU A 29 3.16 10.61 -25.96
C LEU A 29 4.13 11.73 -25.98
N ASP A 30 3.83 12.77 -26.92
CA ASP A 30 4.73 13.89 -26.97
C ASP A 30 4.63 14.61 -25.68
N PHE A 31 5.24 15.76 -25.50
CA PHE A 31 5.17 16.45 -24.25
C PHE A 31 3.80 16.95 -24.04
N ALA A 32 3.36 17.85 -24.90
CA ALA A 32 2.11 18.55 -24.64
C ALA A 32 1.05 17.57 -24.27
N ALA A 33 1.04 16.45 -24.97
CA ALA A 33 0.08 15.43 -24.65
C ALA A 33 0.43 14.91 -23.31
N SER A 34 1.71 14.57 -23.15
CA SER A 34 2.11 13.93 -21.93
C SER A 34 1.65 14.75 -20.75
N VAL A 35 1.86 16.05 -20.73
CA VAL A 35 1.43 16.75 -19.54
C VAL A 35 -0.05 16.66 -19.41
N LYS A 36 -0.74 16.68 -20.54
CA LYS A 36 -2.17 16.79 -20.52
C LYS A 36 -2.69 15.57 -19.77
N ALA A 37 -2.18 14.41 -20.12
CA ALA A 37 -2.77 13.19 -19.62
C ALA A 37 -2.44 12.92 -18.22
N LEU A 38 -1.42 13.56 -17.70
CA LEU A 38 -0.94 13.29 -16.38
C LEU A 38 -1.34 14.35 -15.41
N THR A 39 -2.00 15.40 -15.89
CA THR A 39 -2.46 16.43 -14.99
C THR A 39 -3.95 16.50 -14.95
N THR A 40 -4.60 16.04 -16.01
CA THR A 40 -6.03 16.06 -16.05
C THR A 40 -6.57 14.78 -16.59
N GLY A 41 -5.70 13.94 -17.09
CA GLY A 41 -6.17 12.72 -17.73
C GLY A 41 -6.65 11.71 -16.72
N ALA A 42 -6.39 10.44 -16.99
CA ALA A 42 -6.81 9.42 -16.09
C ALA A 42 -5.68 8.67 -15.49
N ALA A 43 -4.56 9.36 -15.36
CA ALA A 43 -3.44 8.87 -14.61
C ALA A 43 -2.47 9.93 -14.42
N SER A 44 -1.36 9.66 -13.78
CA SER A 44 -0.44 10.69 -13.36
C SER A 44 0.78 10.14 -12.82
N ALA A 45 1.74 10.98 -12.57
CA ALA A 45 2.98 10.51 -12.07
C ALA A 45 3.62 11.53 -11.25
N HIS A 46 4.46 11.16 -10.32
CA HIS A 46 5.06 12.15 -9.52
C HIS A 46 5.97 13.02 -10.30
N TYR A 47 6.81 12.46 -11.13
CA TYR A 47 7.78 13.24 -11.84
C TYR A 47 7.74 12.94 -13.31
N LEU A 48 7.70 13.99 -14.13
CA LEU A 48 7.75 13.86 -15.59
C LEU A 48 9.04 14.45 -16.10
N ILE A 49 9.71 13.70 -16.96
CA ILE A 49 11.01 14.10 -17.46
C ILE A 49 10.91 14.17 -18.95
N PRO A 50 11.04 15.36 -19.51
CA PRO A 50 10.79 15.57 -20.93
C PRO A 50 12.03 15.41 -21.80
N ALA A 51 11.81 15.17 -23.08
CA ALA A 51 12.87 15.07 -24.05
C ALA A 51 12.91 16.44 -24.64
N PRO A 52 14.03 17.12 -24.49
CA PRO A 52 14.16 18.46 -25.08
C PRO A 52 13.93 18.53 -26.58
N HIS A 53 14.14 17.47 -27.31
CA HIS A 53 13.89 17.52 -28.72
C HIS A 53 12.52 17.15 -29.06
N ASP A 54 11.62 17.78 -28.36
CA ASP A 54 10.22 17.53 -28.63
C ASP A 54 9.56 18.82 -29.03
N PRO A 55 9.07 18.88 -30.25
CA PRO A 55 8.59 20.16 -30.69
C PRO A 55 7.56 20.70 -29.76
N SER A 56 6.76 19.84 -29.17
CA SER A 56 5.73 20.33 -28.28
C SER A 56 6.40 20.89 -27.05
N TYR A 57 7.48 20.27 -26.61
CA TYR A 57 8.13 20.71 -25.41
C TYR A 57 8.76 22.06 -25.59
N LYS A 58 8.99 22.45 -26.81
CA LYS A 58 9.61 23.72 -27.02
C LYS A 58 8.48 24.68 -27.20
N ALA A 59 7.51 24.29 -28.01
CA ALA A 59 6.31 25.08 -28.17
C ALA A 59 5.87 25.49 -26.80
N ALA A 60 5.81 24.53 -25.90
CA ALA A 60 5.42 24.77 -24.52
C ALA A 60 6.15 25.93 -23.86
N GLY A 61 7.30 26.28 -24.41
CA GLY A 61 8.11 27.35 -23.89
C GLY A 61 9.26 26.88 -23.03
N PHE A 62 9.66 25.63 -23.21
CA PHE A 62 10.86 25.17 -22.56
C PHE A 62 11.96 24.97 -23.59
N LYS A 63 13.16 24.73 -23.13
CA LYS A 63 14.24 24.53 -24.07
C LYS A 63 15.06 23.41 -23.58
N GLY A 64 15.73 23.63 -22.46
CA GLY A 64 16.66 22.64 -21.94
C GLY A 64 15.95 21.63 -21.08
N GLN A 65 16.72 20.73 -20.50
CA GLN A 65 16.15 19.65 -19.75
C GLN A 65 15.52 20.22 -18.52
N ARG A 66 14.36 19.71 -18.14
CA ARG A 66 13.75 20.10 -16.87
C ARG A 66 13.35 18.84 -16.20
N ILE A 67 12.98 18.91 -14.92
CA ILE A 67 12.23 17.84 -14.28
C ILE A 67 11.05 18.44 -13.59
N PHE A 68 9.86 18.00 -13.99
CA PHE A 68 8.62 18.50 -13.42
C PHE A 68 8.05 17.55 -12.43
N ASN A 69 7.50 18.09 -11.36
CA ASN A 69 6.78 17.30 -10.40
C ASN A 69 5.34 17.61 -10.57
N LEU A 70 4.51 16.60 -10.69
CA LEU A 70 3.08 16.81 -10.90
C LEU A 70 2.24 16.51 -9.65
N VAL A 71 2.80 15.65 -8.81
CA VAL A 71 2.14 15.13 -7.67
C VAL A 71 3.21 15.00 -6.64
N ALA A 72 3.04 15.54 -5.45
CA ALA A 72 4.13 15.53 -4.51
C ALA A 72 4.31 14.13 -4.03
N GLU A 73 5.51 13.81 -3.57
CA GLU A 73 5.81 12.44 -3.20
C GLU A 73 4.90 11.99 -2.11
N GLU A 74 4.63 12.91 -1.22
CA GLU A 74 3.74 12.66 -0.14
C GLU A 74 2.40 12.03 -0.58
N ASP A 75 1.98 12.22 -1.83
CA ASP A 75 0.66 11.78 -2.29
C ASP A 75 0.75 10.64 -3.24
N ARG A 76 -0.39 10.13 -3.64
CA ARG A 76 -0.46 8.92 -4.40
C ARG A 76 -0.88 9.23 -5.75
N ALA A 77 0.03 9.05 -6.66
CA ALA A 77 -0.17 9.42 -8.04
C ALA A 77 -0.63 8.19 -8.74
N TRP A 78 -1.35 8.25 -9.84
CA TRP A 78 -1.86 7.10 -10.51
C TRP A 78 -1.05 6.78 -11.70
N HIS A 79 0.01 6.05 -11.47
CA HIS A 79 0.90 5.67 -12.47
C HIS A 79 1.00 4.24 -12.59
N ALA A 80 1.09 3.52 -11.49
CA ALA A 80 1.50 2.15 -11.52
C ALA A 80 0.47 1.15 -11.94
N GLY A 81 -0.73 1.23 -11.42
CA GLY A 81 -1.80 0.45 -11.92
C GLY A 81 -2.00 -0.77 -11.14
N VAL A 82 -2.64 -1.73 -11.77
CA VAL A 82 -2.74 -3.07 -11.27
C VAL A 82 -1.38 -3.68 -11.35
N SER A 83 -0.70 -3.68 -10.24
CA SER A 83 0.67 -4.03 -10.23
C SER A 83 1.03 -4.91 -9.11
N GLY A 84 2.31 -5.13 -8.95
CA GLY A 84 2.77 -5.91 -7.82
C GLY A 84 4.22 -6.29 -7.79
N TRP A 85 4.78 -6.33 -6.60
CA TRP A 85 6.19 -6.51 -6.47
C TRP A 85 6.68 -6.71 -5.07
N ALA A 86 7.40 -7.77 -4.79
CA ALA A 86 7.88 -7.99 -3.43
C ALA A 86 6.68 -8.17 -2.55
N ARG A 87 5.90 -9.19 -2.85
CA ARG A 87 4.79 -9.55 -2.00
C ARG A 87 3.83 -8.41 -1.75
N ARG A 88 3.87 -7.36 -2.56
CA ARG A 88 2.95 -6.24 -2.39
C ARG A 88 2.22 -6.03 -3.66
N ASP A 89 1.04 -5.44 -3.61
CA ASP A 89 0.31 -5.11 -4.84
C ASP A 89 -0.08 -3.65 -4.85
N ASN A 90 -0.91 -3.27 -5.78
CA ASN A 90 -1.34 -1.91 -5.83
C ASN A 90 -0.16 -1.13 -5.46
N LEU A 91 0.84 -1.21 -6.28
CA LEU A 91 2.08 -0.55 -5.92
C LEU A 91 1.92 0.90 -5.91
N ASN A 92 0.92 1.35 -6.61
CA ASN A 92 0.63 2.76 -6.73
C ASN A 92 0.59 3.50 -5.43
N ASP A 93 0.38 2.75 -4.38
CA ASP A 93 0.22 3.29 -3.06
C ASP A 93 1.53 3.61 -2.46
N THR A 94 2.52 2.85 -2.83
CA THR A 94 3.78 2.89 -2.13
C THR A 94 4.91 3.22 -3.10
N SER A 95 4.56 3.70 -4.28
CA SER A 95 5.50 4.02 -5.32
C SER A 95 5.67 5.48 -5.39
N ILE A 96 6.84 5.90 -5.84
CA ILE A 96 6.98 7.17 -6.51
C ILE A 96 7.11 6.82 -7.95
N GLY A 97 6.40 7.52 -8.81
CA GLY A 97 6.36 7.13 -10.19
C GLY A 97 7.00 8.17 -11.05
N ILE A 98 7.81 7.75 -11.99
CA ILE A 98 8.53 8.68 -12.83
C ILE A 98 8.24 8.44 -14.26
N GLU A 99 7.76 9.45 -14.96
CA GLU A 99 7.62 9.27 -16.38
C GLU A 99 8.48 10.15 -17.23
N ILE A 100 8.88 9.54 -18.30
CA ILE A 100 9.95 10.01 -19.12
C ILE A 100 9.32 10.10 -20.46
N VAL A 101 9.45 11.23 -21.10
CA VAL A 101 8.82 11.38 -22.39
C VAL A 101 9.57 10.54 -23.40
N ASN A 102 8.93 9.54 -23.97
CA ASN A 102 9.55 8.76 -25.01
C ASN A 102 8.54 8.24 -25.99
N LEU A 103 8.75 8.50 -27.26
CA LEU A 103 7.71 8.18 -28.21
C LEU A 103 7.66 6.70 -28.56
N ALA A 104 7.45 5.81 -27.60
CA ALA A 104 7.34 4.38 -27.92
C ALA A 104 6.03 4.01 -28.63
N ARG A 105 5.92 2.77 -29.13
CA ARG A 105 4.88 2.44 -30.09
C ARG A 105 4.43 1.00 -30.08
N ASP A 106 3.12 0.80 -30.16
CA ASP A 106 2.52 -0.54 -30.20
C ASP A 106 1.72 -0.76 -31.49
N ASP A 107 2.27 -1.52 -32.43
CA ASP A 107 1.68 -1.60 -33.79
C ASP A 107 1.06 -2.90 -34.40
N ASP A 108 0.04 -2.39 -32.43
CA ASP A 108 -1.02 -3.45 -32.30
C ASP A 108 -0.76 -4.97 -32.55
N GLY A 109 0.46 -5.53 -32.40
CA GLY A 109 1.65 -4.82 -31.95
C GLY A 109 3.05 -5.26 -32.40
N VAL A 110 3.85 -4.27 -32.80
CA VAL A 110 5.31 -4.39 -32.89
C VAL A 110 5.90 -3.23 -32.13
N PHE A 111 6.91 -3.47 -31.31
CA PHE A 111 7.41 -2.38 -30.50
C PHE A 111 8.56 -1.61 -31.15
N THR A 112 8.55 -0.31 -30.92
CA THR A 112 9.53 0.54 -31.50
C THR A 112 10.00 1.38 -30.36
N PHE A 113 11.21 1.15 -29.87
CA PHE A 113 11.67 1.87 -28.68
C PHE A 113 12.76 2.88 -28.93
N PRO A 114 12.40 4.15 -29.11
CA PRO A 114 13.42 5.14 -29.42
C PRO A 114 14.38 5.37 -28.30
N ASP A 115 15.63 5.54 -28.67
CA ASP A 115 16.68 5.84 -27.73
C ASP A 115 16.22 6.94 -26.83
N TYR A 116 16.78 6.96 -25.64
CA TYR A 116 16.46 8.02 -24.71
C TYR A 116 17.46 9.12 -24.87
N GLU A 117 16.99 10.36 -24.90
CA GLU A 117 17.92 11.46 -25.00
C GLU A 117 18.85 11.38 -23.84
N ARG A 118 20.14 11.61 -24.06
CA ARG A 118 21.09 11.57 -22.97
C ARG A 118 20.51 12.38 -21.88
N SER A 119 20.13 13.59 -22.22
CA SER A 119 19.68 14.51 -21.21
C SER A 119 18.68 13.90 -20.24
N GLN A 120 17.72 13.15 -20.74
CA GLN A 120 16.71 12.68 -19.85
C GLN A 120 17.43 11.78 -18.92
N ILE A 121 18.41 11.05 -19.41
CA ILE A 121 19.00 10.04 -18.55
C ILE A 121 19.81 10.62 -17.44
N ASN A 122 20.50 11.69 -17.71
CA ASN A 122 21.24 12.27 -16.64
C ASN A 122 20.31 12.78 -15.58
N ALA A 123 19.21 13.37 -16.00
CA ALA A 123 18.30 13.94 -15.03
C ALA A 123 17.73 12.82 -14.19
N LEU A 124 17.16 11.84 -14.86
CA LEU A 124 16.66 10.67 -14.20
C LEU A 124 17.69 10.17 -13.22
N LYS A 125 18.93 10.08 -13.68
CA LYS A 125 19.97 9.57 -12.84
C LYS A 125 20.01 10.38 -11.57
N GLN A 126 19.89 11.68 -11.67
CA GLN A 126 20.13 12.43 -10.47
C GLN A 126 18.90 12.35 -9.60
N LEU A 127 17.75 12.28 -10.23
CA LEU A 127 16.50 12.30 -9.49
C LEU A 127 16.39 11.03 -8.72
N ALA A 128 16.69 9.95 -9.40
CA ALA A 128 16.60 8.67 -8.78
C ALA A 128 17.47 8.70 -7.57
N LYS A 129 18.61 9.34 -7.67
CA LYS A 129 19.52 9.31 -6.56
C LYS A 129 18.79 10.04 -5.51
N ASN A 130 18.39 11.24 -5.87
CA ASN A 130 17.79 12.14 -4.92
C ASN A 130 16.73 11.49 -4.13
N ILE A 131 15.81 10.86 -4.85
CA ILE A 131 14.78 10.11 -4.20
C ILE A 131 15.34 8.99 -3.36
N LEU A 132 16.07 8.10 -3.98
CA LEU A 132 16.59 6.93 -3.30
C LEU A 132 17.21 7.27 -2.01
N GLN A 133 17.76 8.45 -1.89
CA GLN A 133 18.50 8.72 -0.70
C GLN A 133 17.58 8.94 0.46
N ARG A 134 16.33 9.27 0.19
CA ARG A 134 15.40 9.71 1.21
C ARG A 134 14.36 8.67 1.52
N TYR A 135 14.40 7.54 0.81
CA TYR A 135 13.47 6.47 1.08
C TYR A 135 14.21 5.19 1.34
N PRO A 136 14.73 5.06 2.54
CA PRO A 136 15.62 3.98 2.90
C PRO A 136 15.12 2.59 2.68
N ASP A 137 13.94 2.36 2.17
CA ASP A 137 13.51 0.99 1.94
C ASP A 137 13.39 0.82 0.46
N MET A 138 13.94 1.77 -0.29
CA MET A 138 14.04 1.59 -1.72
C MET A 138 15.33 0.88 -2.02
N THR A 139 15.32 -0.41 -1.81
CA THR A 139 16.47 -1.17 -2.06
C THR A 139 16.58 -1.22 -3.56
N PRO A 140 17.76 -1.60 -4.06
CA PRO A 140 18.01 -1.63 -5.48
C PRO A 140 16.98 -2.42 -6.22
N LYS A 141 16.49 -3.50 -5.64
CA LYS A 141 15.51 -4.31 -6.34
C LYS A 141 14.23 -3.52 -6.55
N ASN A 142 14.04 -2.49 -5.74
CA ASN A 142 12.79 -1.77 -5.73
C ASN A 142 12.82 -0.57 -6.64
N VAL A 143 13.83 -0.45 -7.47
CA VAL A 143 13.77 0.52 -8.54
C VAL A 143 13.40 -0.31 -9.70
N VAL A 144 12.18 -0.17 -10.17
CA VAL A 144 11.71 -1.09 -11.18
C VAL A 144 10.99 -0.39 -12.28
N GLY A 145 10.87 -1.08 -13.39
CA GLY A 145 10.12 -0.57 -14.49
C GLY A 145 8.70 -1.04 -14.39
N HIS A 146 7.77 -0.28 -14.89
CA HIS A 146 6.43 -0.75 -15.00
C HIS A 146 6.43 -2.11 -15.43
N SER A 147 7.16 -2.36 -16.47
CA SER A 147 7.07 -3.67 -17.07
C SER A 147 7.31 -4.75 -16.06
N ASP A 148 7.97 -4.42 -14.96
CA ASP A 148 8.35 -5.47 -14.06
C ASP A 148 7.23 -5.75 -13.12
N ILE A 149 6.41 -4.75 -12.88
CA ILE A 149 5.36 -4.92 -11.92
C ILE A 149 4.12 -5.38 -12.65
N ALA A 150 3.80 -4.72 -13.75
CA ALA A 150 2.60 -5.03 -14.50
C ALA A 150 2.88 -5.93 -15.68
N VAL A 151 3.45 -7.08 -15.39
CA VAL A 151 3.94 -7.96 -16.43
C VAL A 151 2.93 -8.27 -17.51
N GLY A 152 3.27 -7.98 -18.75
CA GLY A 152 2.49 -8.45 -19.86
C GLY A 152 1.53 -7.38 -20.29
N ARG A 153 1.34 -6.43 -19.43
CA ARG A 153 0.47 -5.34 -19.70
C ARG A 153 1.26 -4.19 -20.20
N LYS A 154 2.37 -3.97 -19.56
CA LYS A 154 3.15 -2.83 -19.80
C LYS A 154 4.51 -3.17 -20.25
N SER A 155 5.04 -2.36 -21.13
CA SER A 155 6.34 -2.56 -21.68
C SER A 155 7.12 -1.28 -21.51
N ASP A 156 6.95 -0.63 -20.40
CA ASP A 156 7.69 0.55 -20.09
C ASP A 156 8.62 0.10 -19.07
N PRO A 157 9.77 0.70 -18.95
CA PRO A 157 10.26 1.82 -19.72
C PRO A 157 10.93 1.37 -20.96
N GLY A 158 10.98 0.07 -21.18
CA GLY A 158 11.62 -0.40 -22.39
C GLY A 158 13.07 -0.72 -22.18
N PRO A 159 13.71 -1.21 -23.24
CA PRO A 159 15.06 -1.73 -23.28
C PRO A 159 16.04 -0.63 -23.54
N LYS A 160 15.58 0.45 -24.17
CA LYS A 160 16.46 1.54 -24.38
C LYS A 160 16.67 2.29 -23.12
N LEU A 161 16.12 1.79 -22.03
CA LEU A 161 16.36 2.37 -20.75
C LEU A 161 17.64 1.77 -20.34
N PRO A 162 18.62 2.58 -19.95
CA PRO A 162 19.98 2.13 -19.68
C PRO A 162 20.11 1.73 -18.26
N TRP A 163 19.32 0.78 -17.87
CA TRP A 163 19.29 0.38 -16.53
C TRP A 163 20.63 0.25 -15.95
N LYS A 164 21.58 -0.32 -16.67
CA LYS A 164 22.88 -0.59 -16.10
C LYS A 164 23.56 0.70 -15.78
N GLU A 165 23.35 1.69 -16.61
CA GLU A 165 24.05 2.93 -16.40
C GLU A 165 23.63 3.46 -15.07
N LEU A 166 22.38 3.17 -14.71
CA LEU A 166 21.79 3.73 -13.53
C LEU A 166 22.34 3.05 -12.34
N TYR A 167 22.32 1.72 -12.43
CA TYR A 167 22.97 0.91 -11.44
C TYR A 167 24.24 1.60 -11.04
N GLU A 168 25.05 1.95 -12.00
CA GLU A 168 26.37 2.44 -11.65
C GLU A 168 26.36 3.79 -11.00
N ALA A 169 25.32 4.54 -11.29
CA ALA A 169 25.15 5.80 -10.60
C ALA A 169 24.61 5.49 -9.22
N GLY A 170 24.30 4.23 -8.98
CA GLY A 170 23.89 3.79 -7.66
C GLY A 170 22.40 3.65 -7.63
N ILE A 171 21.83 3.42 -8.80
CA ILE A 171 20.40 3.31 -8.92
C ILE A 171 19.98 1.98 -9.49
N GLY A 172 19.29 1.21 -8.69
CA GLY A 172 18.69 0.00 -9.19
C GLY A 172 19.63 -1.14 -8.96
N ALA A 173 19.30 -2.29 -9.48
CA ALA A 173 20.02 -3.49 -9.14
C ALA A 173 20.69 -4.07 -10.36
N TRP A 174 21.79 -4.74 -10.18
CA TRP A 174 22.46 -5.31 -11.29
C TRP A 174 23.26 -6.46 -10.83
N TYR A 175 23.71 -7.32 -11.74
CA TYR A 175 24.30 -8.55 -11.35
C TYR A 175 25.75 -8.44 -11.57
N ASP A 176 26.50 -9.21 -10.83
CA ASP A 176 27.91 -9.23 -10.99
C ASP A 176 28.22 -10.14 -12.14
N ASP A 177 28.73 -9.55 -13.20
CA ASP A 177 29.12 -10.28 -14.39
C ASP A 177 29.74 -11.58 -14.04
N ALA A 178 30.48 -11.58 -12.95
CA ALA A 178 31.16 -12.77 -12.49
C ALA A 178 30.16 -13.80 -12.08
N THR A 179 29.36 -13.44 -11.09
CA THR A 179 28.46 -14.39 -10.50
C THR A 179 27.50 -14.87 -11.57
N ARG A 180 27.23 -14.07 -12.58
CA ARG A 180 26.36 -14.52 -13.66
C ARG A 180 26.99 -15.62 -14.42
N ASP A 181 28.27 -15.51 -14.65
CA ASP A 181 28.89 -16.45 -15.52
C ASP A 181 28.93 -17.78 -14.80
N ARG A 182 29.00 -17.74 -13.49
CA ARG A 182 28.98 -18.96 -12.71
C ARG A 182 27.68 -19.60 -13.00
N TYR A 183 26.64 -18.83 -12.87
CA TYR A 183 25.35 -19.40 -13.04
C TYR A 183 25.23 -19.88 -14.46
N ARG A 184 25.76 -19.14 -15.41
CA ARG A 184 25.57 -19.52 -16.80
C ARG A 184 26.27 -20.82 -17.00
N GLU A 185 27.35 -21.01 -16.27
CA GLU A 185 28.08 -22.26 -16.33
C GLU A 185 27.20 -23.45 -15.97
N GLY A 186 26.62 -23.42 -14.78
CA GLY A 186 25.87 -24.55 -14.26
C GLY A 186 24.78 -24.99 -15.19
N PHE A 187 23.97 -24.05 -15.62
CA PHE A 187 22.82 -24.37 -16.43
C PHE A 187 23.29 -24.94 -17.72
N GLU A 188 24.54 -24.70 -18.02
CA GLU A 188 25.08 -25.21 -19.23
C GLU A 188 25.40 -26.66 -19.02
N ARG A 189 25.81 -27.02 -17.81
CA ARG A 189 26.16 -28.43 -17.52
C ARG A 189 25.08 -29.16 -16.76
N ASP A 190 24.69 -28.52 -15.59
CA ASP A 190 23.70 -29.14 -14.72
C ASP A 190 22.36 -29.21 -15.42
N GLY A 191 21.99 -28.26 -16.19
CA GLY A 191 20.74 -28.17 -16.91
C GLY A 191 19.98 -26.98 -16.39
N LEU A 192 19.18 -26.36 -17.24
CA LEU A 192 18.32 -25.26 -16.81
C LEU A 192 17.10 -25.74 -15.99
N PRO A 193 16.79 -25.12 -14.83
CA PRO A 193 15.72 -25.70 -14.02
C PRO A 193 14.39 -25.69 -14.69
N PRO A 194 13.42 -26.40 -14.11
CA PRO A 194 12.08 -26.49 -14.65
C PRO A 194 11.29 -25.23 -14.33
N ARG A 195 10.28 -24.87 -15.11
CA ARG A 195 9.54 -23.63 -14.87
C ARG A 195 9.26 -23.42 -13.43
N ALA A 196 8.69 -24.46 -12.87
CA ALA A 196 8.30 -24.48 -11.49
C ALA A 196 9.31 -23.77 -10.67
N ASP A 197 10.57 -24.15 -10.82
CA ASP A 197 11.62 -23.63 -9.98
C ASP A 197 12.02 -22.27 -10.38
N LEU A 198 12.12 -22.04 -11.67
CA LEU A 198 12.53 -20.74 -12.14
C LEU A 198 11.60 -19.74 -11.55
N LEU A 199 10.32 -20.04 -11.64
CA LEU A 199 9.31 -19.12 -11.20
C LEU A 199 9.51 -18.73 -9.76
N GLU A 200 9.76 -19.69 -8.89
CA GLU A 200 10.08 -19.30 -7.53
C GLU A 200 11.18 -18.26 -7.55
N ALA A 201 12.05 -18.33 -8.57
CA ALA A 201 13.17 -17.41 -8.61
C ALA A 201 12.70 -16.05 -8.99
N PHE A 202 12.00 -15.93 -10.09
CA PHE A 202 11.45 -14.66 -10.41
C PHE A 202 10.68 -14.21 -9.24
N ARG A 203 9.90 -15.13 -8.70
CA ARG A 203 8.95 -14.81 -7.65
C ARG A 203 9.76 -14.20 -6.57
N LEU A 204 10.92 -14.78 -6.35
CA LEU A 204 11.72 -14.37 -5.25
C LEU A 204 12.27 -13.02 -5.55
N TYR A 205 12.80 -12.86 -6.75
CA TYR A 205 13.40 -11.60 -7.10
C TYR A 205 12.42 -10.48 -6.90
N GLY A 206 11.16 -10.74 -7.19
CA GLY A 206 10.16 -9.74 -6.85
C GLY A 206 8.85 -9.91 -7.56
N TYR A 207 8.91 -10.47 -8.76
CA TYR A 207 7.81 -10.44 -9.68
C TYR A 207 6.56 -11.00 -9.07
N ALA A 208 5.58 -10.17 -8.76
CA ALA A 208 4.34 -10.72 -8.27
C ALA A 208 3.70 -11.58 -9.38
N LEU A 209 3.76 -12.89 -9.17
CA LEU A 209 3.31 -13.83 -10.16
C LEU A 209 1.91 -14.23 -9.85
N PRO A 210 1.23 -14.76 -10.87
CA PRO A 210 -0.11 -15.31 -10.74
C PRO A 210 -0.13 -16.69 -10.17
N ALA A 211 -1.34 -17.16 -9.90
CA ALA A 211 -1.53 -18.43 -9.28
C ALA A 211 -1.09 -19.51 -10.23
N THR A 212 -1.36 -19.32 -11.51
CA THR A 212 -0.83 -20.20 -12.54
C THR A 212 -0.22 -19.43 -13.70
N VAL A 213 0.74 -20.08 -14.35
CA VAL A 213 1.46 -19.49 -15.45
C VAL A 213 1.38 -20.34 -16.69
N ASP A 214 0.97 -19.75 -17.80
CA ASP A 214 0.96 -20.43 -19.07
C ASP A 214 2.09 -19.91 -19.92
N ASP A 215 2.46 -20.67 -20.94
CA ASP A 215 3.48 -20.27 -21.87
C ASP A 215 3.37 -18.81 -22.25
N ALA A 216 2.15 -18.36 -22.48
CA ALA A 216 1.94 -17.03 -22.96
C ALA A 216 2.34 -16.00 -21.92
N TYR A 217 2.01 -16.27 -20.68
CA TYR A 217 2.38 -15.34 -19.65
C TYR A 217 3.85 -15.46 -19.48
N PHE A 218 4.33 -16.70 -19.39
CA PHE A 218 5.71 -16.92 -19.03
C PHE A 218 6.61 -16.10 -19.92
N ALA A 219 6.27 -16.06 -21.36
CA ALA A 219 6.91 -15.16 -22.27
C ALA A 219 6.97 -13.80 -21.64
N SER A 220 5.87 -13.16 -21.46
CA SER A 220 5.74 -11.85 -20.85
C SER A 220 6.61 -11.64 -19.64
N LEU A 221 6.79 -12.69 -18.85
CA LEU A 221 7.59 -12.57 -17.66
C LEU A 221 8.97 -12.48 -18.10
N LEU A 222 9.35 -13.44 -18.91
CA LEU A 222 10.71 -13.47 -19.40
C LEU A 222 11.00 -12.23 -20.18
N ARG A 223 10.10 -11.90 -21.08
CA ARG A 223 10.22 -10.69 -21.84
C ARG A 223 10.48 -9.53 -20.94
N ALA A 224 9.57 -9.35 -20.00
CA ALA A 224 9.64 -8.18 -19.18
C ALA A 224 10.90 -8.14 -18.34
N PHE A 225 11.51 -9.29 -18.13
CA PHE A 225 12.71 -9.39 -17.33
C PHE A 225 13.82 -9.07 -18.24
N GLN A 226 13.65 -9.56 -19.45
CA GLN A 226 14.65 -9.35 -20.45
C GLN A 226 14.86 -7.86 -20.68
N MET A 227 13.79 -7.11 -20.88
CA MET A 227 13.96 -5.71 -21.25
C MET A 227 14.62 -4.92 -20.17
N HIS A 228 14.79 -5.51 -19.00
CA HIS A 228 15.31 -4.77 -17.88
C HIS A 228 16.73 -5.18 -17.65
N PHE A 229 16.98 -6.47 -17.81
CA PHE A 229 18.28 -7.00 -17.48
C PHE A 229 18.98 -7.73 -18.61
N ARG A 230 18.36 -7.85 -19.77
CA ARG A 230 19.07 -8.34 -20.92
C ARG A 230 18.44 -7.76 -22.13
N PRO A 231 18.52 -6.44 -22.27
CA PRO A 231 17.77 -5.82 -23.34
C PRO A 231 18.33 -6.31 -24.63
N GLU A 232 19.55 -6.80 -24.63
CA GLU A 232 20.16 -7.33 -25.83
C GLU A 232 19.24 -8.26 -26.59
N ASN A 233 18.43 -9.03 -25.87
CA ASN A 233 17.30 -9.68 -26.51
C ASN A 233 16.19 -10.08 -25.56
N TYR A 234 14.98 -9.66 -25.92
CA TYR A 234 13.78 -9.85 -25.11
C TYR A 234 12.62 -10.52 -25.85
N ASP A 235 12.92 -11.54 -26.62
CA ASP A 235 11.88 -12.20 -27.34
C ASP A 235 11.06 -12.98 -26.35
N GLY A 236 11.58 -13.10 -25.14
CA GLY A 236 10.87 -13.79 -24.10
C GLY A 236 11.11 -15.26 -24.13
N ALA A 237 11.97 -15.71 -25.04
CA ALA A 237 12.37 -17.12 -25.05
C ALA A 237 13.28 -17.32 -23.86
N LEU A 238 13.51 -18.58 -23.51
CA LEU A 238 14.27 -18.90 -22.32
C LEU A 238 15.75 -19.18 -22.64
N ASP A 239 16.62 -18.30 -22.17
CA ASP A 239 18.05 -18.36 -22.43
C ASP A 239 18.68 -18.88 -21.19
N VAL A 240 19.83 -19.49 -21.33
CA VAL A 240 20.63 -19.70 -20.17
C VAL A 240 20.99 -18.33 -19.68
N GLU A 241 21.25 -17.39 -20.57
CA GLU A 241 21.72 -16.10 -20.09
C GLU A 241 20.65 -15.54 -19.20
N THR A 242 19.43 -15.48 -19.69
CA THR A 242 18.38 -14.84 -18.91
C THR A 242 18.34 -15.40 -17.48
N ALA A 243 18.31 -16.72 -17.39
CA ALA A 243 18.21 -17.36 -16.10
C ALA A 243 19.42 -17.09 -15.27
N ALA A 244 20.56 -16.98 -15.92
CA ALA A 244 21.78 -16.86 -15.19
C ALA A 244 21.77 -15.55 -14.54
N ILE A 245 21.15 -14.62 -15.21
CA ILE A 245 21.12 -13.30 -14.68
C ILE A 245 20.27 -13.37 -13.48
N LEU A 246 19.06 -13.90 -13.69
CA LEU A 246 18.09 -14.03 -12.62
C LEU A 246 18.71 -14.57 -11.40
N TYR A 247 19.30 -15.74 -11.51
CA TYR A 247 19.79 -16.38 -10.33
C TYR A 247 20.86 -15.53 -9.71
N ALA A 248 21.65 -14.91 -10.57
CA ALA A 248 22.80 -14.16 -10.11
C ALA A 248 22.30 -12.98 -9.36
N LEU A 249 21.19 -12.44 -9.82
CA LEU A 249 20.62 -11.30 -9.16
C LEU A 249 20.23 -11.71 -7.76
N ASN A 250 19.32 -12.66 -7.68
CA ASN A 250 18.89 -13.20 -6.42
C ASN A 250 20.05 -13.47 -5.53
N GLU A 251 21.12 -14.06 -6.05
CA GLU A 251 22.25 -14.35 -5.20
C GLU A 251 22.79 -13.06 -4.62
N LYS A 252 22.86 -12.04 -5.45
CA LYS A 252 23.52 -10.81 -5.02
C LYS A 252 22.64 -9.98 -4.16
N TYR A 253 21.35 -10.01 -4.43
CA TYR A 253 20.41 -9.29 -3.59
C TYR A 253 19.50 -10.26 -2.90
N PRO A 254 19.97 -10.91 -1.84
CA PRO A 254 19.02 -11.59 -0.97
C PRO A 254 18.02 -10.54 -0.57
N ALA A 255 16.75 -10.92 -0.56
CA ALA A 255 15.66 -10.02 -0.24
C ALA A 255 14.38 -10.69 -0.70
N MET B 1 24.08 20.40 -12.55
CA MET B 1 22.95 20.05 -11.64
C MET B 1 21.69 20.74 -12.11
N LEU B 2 20.56 20.27 -11.57
CA LEU B 2 19.26 20.53 -12.15
C LEU B 2 18.16 20.52 -11.09
N THR B 3 17.49 21.66 -10.87
CA THR B 3 16.49 21.76 -9.81
C THR B 3 15.11 21.49 -10.39
N ILE B 4 14.20 21.09 -9.50
CA ILE B 4 12.96 20.44 -9.89
C ILE B 4 11.86 21.44 -10.02
N ASP B 5 10.88 21.18 -10.88
CA ASP B 5 9.91 22.19 -11.22
C ASP B 5 8.57 21.93 -10.69
N TYR B 6 8.27 22.57 -9.57
CA TYR B 6 7.09 22.23 -8.84
C TYR B 6 5.97 23.15 -9.15
N ASN B 7 6.11 23.98 -10.15
CA ASN B 7 5.15 25.03 -10.34
C ASN B 7 4.59 25.05 -11.70
N SER B 8 5.13 24.27 -12.60
CA SER B 8 4.75 24.47 -13.97
C SER B 8 3.49 23.71 -14.27
N TYR B 9 3.34 22.54 -13.67
CA TYR B 9 2.25 21.69 -13.99
C TYR B 9 1.96 20.85 -12.78
N ARG B 10 0.69 20.81 -12.34
CA ARG B 10 0.30 20.07 -11.16
C ARG B 10 -0.91 19.28 -11.52
N THR B 11 -0.94 18.05 -11.09
CA THR B 11 -2.05 17.21 -11.40
C THR B 11 -3.16 17.51 -10.46
N THR B 12 -4.38 17.39 -10.98
CA THR B 12 -5.57 17.74 -10.25
C THR B 12 -6.46 16.54 -10.04
N THR B 13 -7.18 16.15 -11.08
CA THR B 13 -8.15 15.10 -10.85
C THR B 13 -7.47 13.77 -10.63
N PRO B 14 -6.64 13.28 -11.58
CA PRO B 14 -6.15 11.91 -11.45
C PRO B 14 -5.05 11.71 -10.43
N TYR B 15 -5.39 11.86 -9.16
CA TYR B 15 -4.47 11.54 -8.10
C TYR B 15 -5.21 11.58 -6.75
N GLY B 16 -4.66 10.89 -5.75
CA GLY B 16 -5.22 10.87 -4.42
C GLY B 16 -4.11 10.99 -3.42
N LYS B 17 -4.42 10.96 -2.14
CA LYS B 17 -3.40 10.90 -1.09
C LYS B 17 -3.15 9.43 -0.93
N ARG B 18 -2.11 9.06 -0.20
CA ARG B 18 -1.71 7.67 -0.21
C ARG B 18 -2.56 6.88 0.74
N VAL B 19 -2.93 7.55 1.82
CA VAL B 19 -3.67 6.99 2.95
C VAL B 19 -5.18 6.91 2.76
N ARG B 20 -5.74 5.81 3.19
CA ARG B 20 -7.03 5.39 2.82
C ARG B 20 -7.87 5.01 4.03
N PHE B 21 -7.23 4.38 4.99
CA PHE B 21 -7.87 3.79 6.13
C PHE B 21 -7.37 4.48 7.32
N LEU B 22 -8.14 4.39 8.39
CA LEU B 22 -7.72 4.83 9.70
C LEU B 22 -8.02 3.65 10.56
N VAL B 23 -7.05 3.07 11.25
CA VAL B 23 -7.28 1.87 12.04
C VAL B 23 -7.15 2.14 13.52
N LEU B 24 -7.87 1.39 14.36
CA LEU B 24 -7.97 1.72 15.78
C LEU B 24 -7.53 0.63 16.74
N HIS B 25 -6.79 0.98 17.78
CA HIS B 25 -6.28 -0.03 18.67
C HIS B 25 -6.28 0.38 20.11
N TYR B 26 -6.29 -0.63 20.99
CA TYR B 26 -6.09 -0.43 22.37
C TYR B 26 -4.71 -0.95 22.65
N THR B 27 -3.95 -0.22 23.42
CA THR B 27 -2.57 -0.52 23.62
C THR B 27 -2.43 -1.79 24.38
N ALA B 28 -3.21 -1.94 25.41
CA ALA B 28 -3.25 -3.07 26.31
C ALA B 28 -2.24 -2.92 27.36
N LEU B 29 -1.71 -1.66 27.56
CA LEU B 29 -0.68 -1.44 28.53
C LEU B 29 -0.92 -0.14 29.19
N ASP B 30 -0.30 0.09 30.32
CA ASP B 30 -0.37 1.39 30.92
C ASP B 30 0.51 2.30 30.10
N PHE B 31 0.28 3.58 30.25
CA PHE B 31 0.82 4.57 29.36
C PHE B 31 2.31 4.40 29.16
N ALA B 32 3.06 4.31 30.26
CA ALA B 32 4.51 4.33 30.12
C ALA B 32 4.95 3.14 29.34
N ALA B 33 4.28 2.03 29.56
CA ALA B 33 4.62 0.86 28.82
C ALA B 33 4.20 1.05 27.40
N SER B 34 3.38 2.04 27.15
CA SER B 34 2.84 2.20 25.83
C SER B 34 3.60 3.19 25.02
N VAL B 35 4.09 4.23 25.63
CA VAL B 35 4.93 5.13 24.90
C VAL B 35 6.18 4.41 24.62
N LYS B 36 6.64 3.59 25.54
CA LYS B 36 7.91 2.95 25.31
C LYS B 36 7.77 2.11 24.08
N ALA B 37 6.80 1.25 24.03
CA ALA B 37 6.69 0.29 22.95
C ALA B 37 6.29 0.85 21.62
N LEU B 38 5.77 2.05 21.59
CA LEU B 38 5.35 2.65 20.36
C LEU B 38 6.36 3.66 19.92
N THR B 39 7.41 3.84 20.70
CA THR B 39 8.46 4.77 20.33
C THR B 39 9.82 4.09 20.19
N THR B 40 10.01 2.97 20.87
CA THR B 40 11.26 2.26 20.80
C THR B 40 11.06 0.76 20.76
N GLY B 41 9.83 0.31 20.83
CA GLY B 41 9.61 -1.10 20.94
C GLY B 41 9.71 -1.64 19.56
N ALA B 42 8.79 -2.52 19.18
CA ALA B 42 8.77 -3.18 17.89
C ALA B 42 7.49 -2.88 17.12
N ALA B 43 6.90 -1.75 17.46
CA ALA B 43 5.75 -1.29 16.76
C ALA B 43 5.57 0.13 17.03
N SER B 44 4.63 0.78 16.38
CA SER B 44 4.43 2.17 16.66
C SER B 44 3.07 2.52 16.14
N ALA B 45 2.62 3.75 16.34
CA ALA B 45 1.38 4.17 15.74
C ALA B 45 1.49 5.63 15.55
N HIS B 46 0.65 6.21 14.75
CA HIS B 46 0.80 7.60 14.47
C HIS B 46 0.41 8.43 15.57
N TYR B 47 -0.64 8.05 16.25
CA TYR B 47 -1.19 8.82 17.35
C TYR B 47 -1.49 7.96 18.55
N LEU B 48 -1.48 8.56 19.72
CA LEU B 48 -1.65 7.84 20.97
C LEU B 48 -2.52 8.61 21.91
N ILE B 49 -3.75 8.15 22.16
CA ILE B 49 -4.63 8.85 23.10
C ILE B 49 -4.55 8.23 24.50
N PRO B 50 -3.93 8.96 25.42
CA PRO B 50 -3.74 8.36 26.73
C PRO B 50 -5.02 8.31 27.52
N ALA B 51 -5.04 7.43 28.51
CA ALA B 51 -6.14 7.34 29.45
C ALA B 51 -5.72 8.20 30.60
N PRO B 52 -6.39 9.33 30.79
CA PRO B 52 -5.89 10.27 31.78
C PRO B 52 -5.83 9.73 33.19
N HIS B 53 -6.58 8.70 33.49
CA HIS B 53 -6.60 8.22 34.83
C HIS B 53 -5.77 7.03 34.92
N ASP B 54 -4.51 7.24 34.70
CA ASP B 54 -3.55 6.16 34.60
C ASP B 54 -2.41 6.58 35.46
N PRO B 55 -2.06 5.80 36.47
CA PRO B 55 -0.98 6.26 37.34
C PRO B 55 0.29 6.61 36.58
N SER B 56 0.66 5.81 35.58
CA SER B 56 1.91 6.03 34.88
C SER B 56 1.81 7.34 34.13
N TYR B 57 0.66 7.54 33.50
CA TYR B 57 0.44 8.75 32.75
C TYR B 57 0.60 9.94 33.65
N LYS B 58 0.00 9.93 34.81
CA LYS B 58 0.05 11.11 35.65
C LYS B 58 1.45 11.22 36.17
N ALA B 59 2.04 10.07 36.45
CA ALA B 59 3.39 10.02 36.98
C ALA B 59 4.31 10.74 36.02
N ALA B 60 4.20 10.40 34.75
CA ALA B 60 5.01 11.02 33.73
C ALA B 60 4.84 12.53 33.70
N GLY B 61 3.88 13.06 34.44
CA GLY B 61 3.76 14.49 34.56
C GLY B 61 2.66 15.06 33.71
N PHE B 62 1.71 14.21 33.35
CA PHE B 62 0.61 14.66 32.54
C PHE B 62 -0.66 14.88 33.35
N LYS B 63 -1.21 16.09 33.23
CA LYS B 63 -2.52 16.40 33.75
C LYS B 63 -3.54 15.79 32.80
N GLY B 64 -3.20 15.82 31.51
CA GLY B 64 -4.04 15.26 30.49
C GLY B 64 -5.29 16.08 30.36
N GLN B 65 -6.13 15.79 29.37
CA GLN B 65 -5.82 14.80 28.35
C GLN B 65 -5.02 15.48 27.26
N ARG B 66 -4.35 14.68 26.46
CA ARG B 66 -3.59 15.16 25.34
C ARG B 66 -3.81 14.16 24.28
N ILE B 67 -3.30 14.45 23.09
CA ILE B 67 -3.18 13.45 22.05
C ILE B 67 -1.77 13.57 21.57
N PHE B 68 -1.12 12.43 21.40
CA PHE B 68 0.30 12.42 21.13
C PHE B 68 0.47 11.89 19.76
N ASN B 69 1.30 12.55 18.97
CA ASN B 69 1.65 12.05 17.66
C ASN B 69 3.00 11.42 17.69
N LEU B 70 3.09 10.17 17.26
CA LEU B 70 4.29 9.42 17.45
C LEU B 70 5.01 9.28 16.16
N VAL B 71 4.27 9.33 15.08
CA VAL B 71 4.84 9.25 13.76
C VAL B 71 4.03 10.17 12.90
N ALA B 72 4.61 11.14 12.22
CA ALA B 72 3.77 12.03 11.45
C ALA B 72 3.08 11.20 10.41
N GLU B 73 1.93 11.67 9.97
CA GLU B 73 1.09 10.89 9.08
C GLU B 73 1.75 10.53 7.77
N GLU B 74 2.64 11.37 7.28
CA GLU B 74 3.35 11.13 6.03
C GLU B 74 4.04 9.80 6.07
N ASP B 75 4.50 9.41 7.23
CA ASP B 75 5.34 8.25 7.36
C ASP B 75 4.51 7.10 7.76
N ARG B 76 5.16 5.94 7.83
CA ARG B 76 4.47 4.67 7.96
C ARG B 76 4.66 4.09 9.32
N ALA B 77 3.62 4.01 10.11
CA ALA B 77 3.75 3.46 11.41
C ALA B 77 3.47 2.02 11.41
N TRP B 78 3.90 1.35 12.45
CA TRP B 78 3.69 -0.04 12.58
C TRP B 78 2.69 -0.37 13.66
N HIS B 79 1.48 -0.60 13.17
CA HIS B 79 0.39 -1.00 13.95
C HIS B 79 -0.49 -2.03 13.40
N ALA B 80 -0.42 -2.31 12.13
CA ALA B 80 -1.42 -3.11 11.51
C ALA B 80 -0.95 -4.40 11.03
N GLY B 81 0.32 -4.67 11.20
CA GLY B 81 0.95 -5.90 10.79
C GLY B 81 0.38 -6.51 9.58
N VAL B 82 0.24 -7.79 9.68
CA VAL B 82 -0.40 -8.58 8.68
C VAL B 82 -1.81 -8.20 8.65
N SER B 83 -2.27 -7.68 7.54
CA SER B 83 -3.63 -7.13 7.47
C SER B 83 -4.42 -7.46 6.22
N GLY B 84 -5.49 -6.71 6.04
CA GLY B 84 -6.25 -6.81 4.82
C GLY B 84 -7.56 -6.12 5.00
N TRP B 85 -8.00 -5.35 4.01
CA TRP B 85 -9.28 -4.69 4.02
C TRP B 85 -9.60 -4.14 2.69
N ALA B 86 -10.82 -4.21 2.25
CA ALA B 86 -11.17 -3.58 1.00
C ALA B 86 -10.15 -3.89 -0.06
N ARG B 87 -9.88 -5.17 -0.25
CA ARG B 87 -9.08 -5.67 -1.36
C ARG B 87 -7.61 -5.26 -1.27
N ARG B 88 -7.13 -5.08 -0.05
CA ARG B 88 -5.77 -4.71 0.16
C ARG B 88 -5.16 -5.51 1.26
N ASP B 89 -3.95 -5.17 1.64
CA ASP B 89 -3.20 -5.89 2.66
C ASP B 89 -2.04 -5.01 3.04
N ASN B 90 -1.34 -5.42 4.06
CA ASN B 90 -0.21 -4.67 4.56
C ASN B 90 -0.65 -3.27 4.77
N LEU B 91 -1.71 -3.14 5.52
CA LEU B 91 -2.37 -1.87 5.60
C LEU B 91 -1.51 -0.87 6.32
N ASN B 92 -0.39 -1.32 6.84
CA ASN B 92 0.44 -0.41 7.58
C ASN B 92 0.82 0.74 6.70
N ASP B 93 0.99 0.40 5.43
CA ASP B 93 1.40 1.31 4.39
C ASP B 93 0.42 2.41 4.18
N THR B 94 -0.83 2.07 4.25
CA THR B 94 -1.79 2.78 3.48
C THR B 94 -2.86 3.33 4.41
N SER B 95 -2.58 3.29 5.70
CA SER B 95 -3.53 3.67 6.73
C SER B 95 -2.88 4.64 7.66
N ILE B 96 -3.63 5.14 8.62
CA ILE B 96 -3.06 5.84 9.76
C ILE B 96 -3.60 5.18 10.98
N GLY B 97 -2.78 4.78 11.93
CA GLY B 97 -3.30 4.07 13.10
C GLY B 97 -3.41 4.89 14.37
N ILE B 98 -4.47 4.67 15.17
CA ILE B 98 -4.58 5.30 16.48
C ILE B 98 -4.67 4.31 17.63
N GLU B 99 -3.90 4.59 18.64
CA GLU B 99 -3.77 3.71 19.75
C GLU B 99 -4.31 4.40 20.94
N ILE B 100 -5.21 3.76 21.64
CA ILE B 100 -5.78 4.33 22.83
C ILE B 100 -5.46 3.43 24.00
N VAL B 101 -5.07 4.02 25.12
CA VAL B 101 -4.61 3.24 26.26
C VAL B 101 -5.77 2.62 27.01
N ASN B 102 -5.81 1.29 27.05
CA ASN B 102 -6.91 0.56 27.62
C ASN B 102 -6.49 -0.85 27.81
N LEU B 103 -6.53 -1.28 29.03
CA LEU B 103 -5.85 -2.47 29.39
C LEU B 103 -6.73 -3.67 29.16
N ALA B 104 -7.27 -3.82 27.97
CA ALA B 104 -7.97 -5.04 27.68
C ALA B 104 -7.04 -6.21 27.75
N ARG B 105 -7.57 -7.41 27.88
CA ARG B 105 -6.78 -8.55 28.28
C ARG B 105 -7.10 -9.83 27.61
N ASP B 106 -6.09 -10.65 27.36
CA ASP B 106 -6.24 -12.05 26.93
C ASP B 106 -5.63 -12.95 27.98
N ASP B 107 -6.44 -13.84 28.53
CA ASP B 107 -6.04 -14.74 29.60
C ASP B 107 -6.26 -16.21 29.24
N ASP B 108 -5.75 -16.59 28.07
CA ASP B 108 -5.74 -17.98 27.59
C ASP B 108 -7.06 -18.70 27.33
N GLY B 109 -8.02 -18.08 26.63
CA GLY B 109 -7.95 -16.73 26.12
C GLY B 109 -9.26 -16.03 26.42
N VAL B 110 -9.68 -16.03 27.68
CA VAL B 110 -10.85 -15.26 28.09
C VAL B 110 -10.46 -13.81 27.94
N PHE B 111 -11.41 -12.93 27.73
CA PHE B 111 -11.08 -11.55 27.45
C PHE B 111 -11.64 -10.64 28.52
N THR B 112 -11.25 -9.39 28.50
CA THR B 112 -11.67 -8.44 29.52
C THR B 112 -11.43 -7.02 29.02
N PHE B 113 -12.47 -6.37 28.52
CA PHE B 113 -12.32 -5.04 28.00
C PHE B 113 -12.89 -3.97 28.87
N PRO B 114 -12.02 -3.22 29.50
CA PRO B 114 -12.44 -2.04 30.25
C PRO B 114 -13.14 -1.01 29.39
N ASP B 115 -14.02 -0.25 30.00
CA ASP B 115 -14.68 0.85 29.34
C ASP B 115 -13.59 1.82 29.03
N TYR B 116 -13.78 2.67 28.03
CA TYR B 116 -12.82 3.72 27.75
C TYR B 116 -13.14 4.91 28.60
N GLU B 117 -12.28 5.91 28.58
CA GLU B 117 -12.55 7.12 29.33
C GLU B 117 -13.24 8.09 28.43
N ARG B 118 -14.04 8.99 28.98
CA ARG B 118 -14.80 9.82 28.08
C ARG B 118 -13.86 10.70 27.36
N SER B 119 -13.20 11.58 28.09
CA SER B 119 -12.21 12.47 27.53
C SER B 119 -11.47 11.76 26.41
N GLN B 120 -11.04 10.55 26.74
CA GLN B 120 -10.40 9.69 25.78
C GLN B 120 -11.27 9.67 24.53
N ILE B 121 -12.56 9.48 24.67
CA ILE B 121 -13.37 9.35 23.47
C ILE B 121 -13.59 10.68 22.83
N ASN B 122 -13.85 11.70 23.62
CA ASN B 122 -14.10 12.98 23.02
C ASN B 122 -12.89 13.44 22.27
N ALA B 123 -11.74 12.97 22.73
CA ALA B 123 -10.50 13.25 22.07
C ALA B 123 -10.57 12.54 20.78
N LEU B 124 -10.79 11.25 20.85
CA LEU B 124 -10.77 10.42 19.67
C LEU B 124 -11.65 10.93 18.57
N LYS B 125 -12.87 11.32 18.88
CA LYS B 125 -13.75 11.73 17.81
C LYS B 125 -13.18 12.98 17.25
N GLN B 126 -12.51 13.75 18.10
CA GLN B 126 -12.00 15.04 17.66
C GLN B 126 -10.93 14.77 16.63
N LEU B 127 -9.98 13.95 17.03
CA LEU B 127 -8.85 13.59 16.18
C LEU B 127 -9.34 12.95 14.93
N ALA B 128 -10.14 11.92 15.11
CA ALA B 128 -10.50 11.13 13.98
C ALA B 128 -11.21 11.99 13.00
N LYS B 129 -11.84 13.03 13.48
CA LYS B 129 -12.58 13.87 12.56
C LYS B 129 -11.57 14.64 11.77
N ASN B 130 -10.49 15.02 12.43
CA ASN B 130 -9.48 15.83 11.80
C ASN B 130 -8.83 15.12 10.67
N ILE B 131 -8.69 13.81 10.81
CA ILE B 131 -8.12 12.99 9.77
C ILE B 131 -9.12 12.96 8.65
N LEU B 132 -10.33 12.51 8.92
CA LEU B 132 -11.22 12.18 7.83
C LEU B 132 -11.36 13.36 6.96
N GLN B 133 -11.24 14.54 7.54
CA GLN B 133 -11.47 15.70 6.75
C GLN B 133 -10.33 15.95 5.85
N ARG B 134 -9.26 15.15 5.97
CA ARG B 134 -8.01 15.46 5.30
C ARG B 134 -7.65 14.38 4.35
N TYR B 135 -8.33 13.24 4.45
CA TYR B 135 -8.17 12.18 3.47
C TYR B 135 -9.46 11.81 2.76
N PRO B 136 -9.56 12.12 1.48
CA PRO B 136 -10.92 11.98 0.97
C PRO B 136 -11.29 10.58 0.61
N ASP B 137 -10.42 9.63 0.70
CA ASP B 137 -10.70 8.33 0.21
C ASP B 137 -10.89 7.46 1.41
N MET B 138 -10.96 8.10 2.54
CA MET B 138 -11.22 7.46 3.81
C MET B 138 -12.71 7.52 4.03
N THR B 139 -13.41 6.85 3.15
CA THR B 139 -14.83 6.71 3.29
C THR B 139 -15.08 5.93 4.57
N PRO B 140 -16.26 6.07 5.14
CA PRO B 140 -16.76 5.46 6.38
C PRO B 140 -16.41 4.01 6.69
N LYS B 141 -16.29 3.15 5.70
CA LYS B 141 -16.00 1.77 6.00
C LYS B 141 -14.55 1.61 6.18
N ASN B 142 -13.81 2.66 5.89
CA ASN B 142 -12.37 2.52 5.94
C ASN B 142 -11.89 3.00 7.27
N VAL B 143 -12.80 3.47 8.09
CA VAL B 143 -12.44 3.73 9.44
C VAL B 143 -12.70 2.41 10.09
N VAL B 144 -11.65 1.67 10.39
CA VAL B 144 -11.82 0.31 10.89
C VAL B 144 -11.07 0.03 12.17
N GLY B 145 -11.08 -1.21 12.58
CA GLY B 145 -10.44 -1.60 13.81
C GLY B 145 -9.57 -2.75 13.48
N HIS B 146 -8.51 -2.91 14.23
CA HIS B 146 -7.63 -3.97 13.92
C HIS B 146 -8.43 -5.17 13.78
N SER B 147 -9.27 -5.43 14.73
CA SER B 147 -10.01 -6.68 14.68
C SER B 147 -10.60 -6.97 13.32
N ASP B 148 -10.89 -5.94 12.54
CA ASP B 148 -11.57 -6.16 11.28
C ASP B 148 -10.56 -6.48 10.25
N ILE B 149 -9.42 -5.82 10.31
CA ILE B 149 -8.42 -6.06 9.29
C ILE B 149 -7.59 -7.26 9.68
N ALA B 150 -7.49 -7.51 10.97
CA ALA B 150 -6.69 -8.61 11.47
C ALA B 150 -7.53 -9.62 12.20
N VAL B 151 -8.32 -10.34 11.45
CA VAL B 151 -9.22 -11.32 12.02
C VAL B 151 -8.54 -12.65 12.07
N GLY B 152 -8.68 -13.41 13.13
CA GLY B 152 -9.11 -12.92 14.39
C GLY B 152 -7.89 -13.08 15.23
N ARG B 153 -6.80 -12.58 14.73
CA ARG B 153 -5.59 -12.57 15.46
C ARG B 153 -5.53 -11.30 16.28
N LYS B 154 -6.52 -10.44 16.16
CA LYS B 154 -6.60 -9.29 17.00
C LYS B 154 -7.99 -8.86 17.27
N SER B 155 -8.14 -8.23 18.40
CA SER B 155 -9.41 -7.96 18.94
C SER B 155 -9.55 -6.55 19.47
N ASP B 156 -8.62 -5.67 19.16
CA ASP B 156 -8.84 -4.27 19.46
C ASP B 156 -9.51 -3.80 18.27
N PRO B 157 -10.13 -2.65 18.37
CA PRO B 157 -10.11 -1.79 19.53
C PRO B 157 -11.09 -2.25 20.55
N GLY B 158 -11.77 -3.35 20.26
CA GLY B 158 -12.58 -3.93 21.30
C GLY B 158 -13.96 -3.34 21.35
N PRO B 159 -14.88 -4.10 21.94
CA PRO B 159 -16.32 -3.90 21.86
C PRO B 159 -16.77 -2.83 22.81
N LYS B 160 -15.81 -2.23 23.52
CA LYS B 160 -16.12 -1.13 24.39
C LYS B 160 -15.99 0.15 23.64
N LEU B 161 -15.86 0.04 22.31
CA LEU B 161 -15.58 1.20 21.51
C LEU B 161 -16.79 1.78 20.85
N PRO B 162 -17.24 2.95 21.30
CA PRO B 162 -18.48 3.55 20.84
C PRO B 162 -18.55 3.86 19.36
N TRP B 163 -18.41 2.91 18.49
CA TRP B 163 -18.52 3.29 17.13
C TRP B 163 -19.76 4.07 16.95
N LYS B 164 -20.90 3.44 17.05
CA LYS B 164 -22.09 4.17 16.69
C LYS B 164 -21.98 5.59 17.12
N GLU B 165 -21.40 5.86 18.28
CA GLU B 165 -21.28 7.25 18.68
C GLU B 165 -20.54 7.97 17.57
N LEU B 166 -19.42 7.39 17.15
CA LEU B 166 -18.52 8.04 16.20
C LEU B 166 -19.21 8.20 14.91
N TYR B 167 -19.97 7.19 14.52
CA TYR B 167 -20.81 7.33 13.36
C TYR B 167 -21.54 8.61 13.57
N GLU B 168 -22.23 8.72 14.70
CA GLU B 168 -23.10 9.86 14.88
C GLU B 168 -22.31 11.12 14.66
N ALA B 169 -21.02 11.05 14.96
CA ALA B 169 -20.18 12.22 14.85
C ALA B 169 -19.54 12.35 13.48
N GLY B 170 -19.84 11.42 12.58
CA GLY B 170 -19.41 11.53 11.20
C GLY B 170 -18.30 10.57 10.88
N ILE B 171 -17.82 9.90 11.91
CA ILE B 171 -16.67 9.06 11.81
C ILE B 171 -17.03 7.60 11.64
N GLY B 172 -16.73 7.05 10.48
CA GLY B 172 -16.89 5.64 10.28
C GLY B 172 -18.30 5.27 9.98
N ALA B 173 -18.51 3.98 9.73
CA ALA B 173 -19.72 3.52 9.06
C ALA B 173 -20.70 2.93 10.03
N TRP B 174 -21.98 3.14 9.75
CA TRP B 174 -23.06 2.53 10.49
C TRP B 174 -24.34 2.44 9.72
N TYR B 175 -25.25 1.57 10.09
CA TYR B 175 -26.43 1.25 9.28
C TYR B 175 -27.61 2.12 9.61
N ASP B 176 -28.49 2.33 8.65
CA ASP B 176 -29.76 2.93 8.95
C ASP B 176 -30.58 1.81 9.50
N ASP B 177 -31.18 2.02 10.65
CA ASP B 177 -31.86 0.94 11.33
C ASP B 177 -33.00 0.41 10.51
N ALA B 178 -33.73 1.32 9.88
CA ALA B 178 -34.81 0.91 9.02
C ALA B 178 -34.30 -0.14 8.11
N THR B 179 -33.21 0.13 7.42
CA THR B 179 -32.82 -0.80 6.41
C THR B 179 -32.37 -2.06 7.09
N ARG B 180 -31.81 -1.99 8.27
CA ARG B 180 -31.37 -3.21 8.91
C ARG B 180 -32.54 -4.11 9.04
N ASP B 181 -33.59 -3.57 9.65
CA ASP B 181 -34.76 -4.33 10.03
C ASP B 181 -35.35 -5.01 8.82
N ARG B 182 -35.48 -4.23 7.76
CA ARG B 182 -35.99 -4.74 6.49
C ARG B 182 -35.33 -6.02 6.10
N TYR B 183 -34.11 -6.21 6.54
CA TYR B 183 -33.39 -7.42 6.19
C TYR B 183 -33.73 -8.44 7.23
N ARG B 184 -33.74 -8.02 8.49
CA ARG B 184 -33.99 -8.97 9.56
C ARG B 184 -35.27 -9.69 9.20
N GLU B 185 -36.33 -8.92 9.03
CA GLU B 185 -37.62 -9.48 8.70
C GLU B 185 -37.42 -10.46 7.56
N GLY B 186 -37.02 -9.93 6.41
CA GLY B 186 -36.85 -10.74 5.22
C GLY B 186 -36.14 -12.03 5.51
N PHE B 187 -35.21 -12.02 6.44
CA PHE B 187 -34.43 -13.21 6.71
C PHE B 187 -35.23 -14.19 7.55
N GLU B 188 -35.90 -13.67 8.57
CA GLU B 188 -36.63 -14.53 9.45
C GLU B 188 -37.65 -15.28 8.58
N ARG B 189 -38.43 -14.53 7.83
CA ARG B 189 -39.40 -15.15 6.94
C ARG B 189 -38.68 -16.06 5.95
N ASP B 190 -37.97 -15.47 5.00
CA ASP B 190 -37.45 -16.25 3.89
C ASP B 190 -36.23 -17.08 4.29
N GLY B 191 -35.95 -17.14 5.57
CA GLY B 191 -34.78 -17.89 6.01
C GLY B 191 -33.53 -17.10 5.73
N LEU B 192 -32.41 -17.78 5.65
CA LEU B 192 -31.13 -17.10 5.68
C LEU B 192 -30.31 -17.35 4.41
N PRO B 193 -29.32 -16.50 4.12
CA PRO B 193 -28.61 -16.75 2.87
C PRO B 193 -27.56 -17.80 3.06
N PRO B 194 -27.26 -18.56 2.01
CA PRO B 194 -26.22 -19.57 2.14
C PRO B 194 -24.92 -18.93 2.58
N ARG B 195 -24.02 -19.72 3.15
CA ARG B 195 -22.73 -19.21 3.56
C ARG B 195 -22.09 -18.48 2.44
N ALA B 196 -22.20 -19.05 1.26
CA ALA B 196 -21.62 -18.44 0.07
C ALA B 196 -21.92 -16.96 0.02
N ASP B 197 -23.21 -16.62 0.00
CA ASP B 197 -23.63 -15.25 -0.12
C ASP B 197 -23.05 -14.44 1.01
N LEU B 198 -22.96 -15.06 2.16
CA LEU B 198 -22.59 -14.37 3.37
C LEU B 198 -21.16 -13.92 3.31
N LEU B 199 -20.28 -14.90 3.12
CA LEU B 199 -18.86 -14.65 2.99
C LEU B 199 -18.71 -13.53 2.02
N GLU B 200 -19.27 -13.74 0.85
CA GLU B 200 -19.11 -12.75 -0.16
C GLU B 200 -19.56 -11.43 0.38
N ALA B 201 -20.72 -11.39 0.98
CA ALA B 201 -21.21 -10.10 1.45
C ALA B 201 -20.28 -9.57 2.50
N PHE B 202 -19.57 -10.46 3.17
CA PHE B 202 -18.64 -10.01 4.18
C PHE B 202 -17.48 -9.44 3.49
N ARG B 203 -17.04 -10.13 2.45
CA ARG B 203 -15.94 -9.65 1.64
C ARG B 203 -16.24 -8.25 1.15
N LEU B 204 -17.37 -8.08 0.51
CA LEU B 204 -17.69 -6.80 -0.09
C LEU B 204 -17.59 -5.70 0.90
N TYR B 205 -17.85 -5.97 2.16
CA TYR B 205 -17.85 -4.89 3.08
C TYR B 205 -16.43 -4.45 3.18
N GLY B 206 -15.52 -5.40 3.07
CA GLY B 206 -14.12 -5.08 3.14
C GLY B 206 -13.28 -6.25 3.60
N TYR B 207 -13.85 -7.11 4.41
CA TYR B 207 -13.08 -8.13 5.11
C TYR B 207 -12.18 -8.93 4.21
N ALA B 208 -10.97 -9.17 4.68
CA ALA B 208 -9.98 -9.91 3.96
C ALA B 208 -10.14 -11.38 4.28
N LEU B 209 -10.85 -12.09 3.42
CA LEU B 209 -11.17 -13.50 3.68
C LEU B 209 -10.22 -14.46 3.00
N PRO B 210 -9.76 -15.47 3.72
CA PRO B 210 -8.92 -16.47 3.07
C PRO B 210 -9.71 -17.26 2.05
N ALA B 211 -9.02 -18.08 1.28
CA ALA B 211 -9.64 -18.80 0.20
C ALA B 211 -10.75 -19.69 0.71
N THR B 212 -10.54 -20.22 1.91
CA THR B 212 -11.37 -21.28 2.46
C THR B 212 -11.60 -21.06 3.94
N VAL B 213 -12.86 -20.96 4.33
CA VAL B 213 -13.23 -20.51 5.65
C VAL B 213 -13.74 -21.56 6.64
N ASP B 214 -12.88 -21.99 7.56
CA ASP B 214 -13.27 -22.95 8.55
C ASP B 214 -14.29 -22.23 9.37
N ASP B 215 -15.23 -22.97 9.93
CA ASP B 215 -16.21 -22.35 10.80
C ASP B 215 -15.44 -21.70 11.91
N ALA B 216 -14.37 -22.39 12.29
CA ALA B 216 -13.40 -21.85 13.22
C ALA B 216 -13.05 -20.44 12.82
N TYR B 217 -12.75 -20.26 11.54
CA TYR B 217 -12.41 -18.94 11.04
C TYR B 217 -13.61 -18.06 11.11
N PHE B 218 -14.72 -18.63 10.67
CA PHE B 218 -15.96 -17.90 10.55
C PHE B 218 -16.23 -17.25 11.85
N ALA B 219 -16.17 -18.04 12.90
CA ALA B 219 -16.35 -17.54 14.23
C ALA B 219 -15.59 -16.25 14.36
N SER B 220 -14.26 -16.36 14.24
CA SER B 220 -13.35 -15.23 14.36
C SER B 220 -13.84 -14.03 13.61
N LEU B 221 -14.43 -14.30 12.47
CA LEU B 221 -14.86 -13.24 11.59
C LEU B 221 -16.07 -12.57 12.17
N LEU B 222 -17.05 -13.39 12.55
CA LEU B 222 -18.31 -12.86 13.02
C LEU B 222 -18.00 -12.10 14.25
N ARG B 223 -17.38 -12.78 15.17
CA ARG B 223 -16.87 -12.15 16.35
C ARG B 223 -16.42 -10.78 16.03
N ALA B 224 -15.54 -10.63 15.08
CA ALA B 224 -14.91 -9.35 14.85
C ALA B 224 -15.94 -8.37 14.37
N PHE B 225 -16.76 -8.85 13.45
CA PHE B 225 -17.76 -8.01 12.87
C PHE B 225 -18.62 -7.53 14.02
N GLN B 226 -18.90 -8.44 14.92
CA GLN B 226 -19.82 -8.15 15.98
C GLN B 226 -19.25 -7.10 16.89
N MET B 227 -17.99 -7.23 17.30
CA MET B 227 -17.48 -6.32 18.31
C MET B 227 -17.46 -4.96 17.77
N HIS B 228 -17.87 -4.82 16.55
CA HIS B 228 -17.75 -3.58 15.90
C HIS B 228 -19.08 -3.04 15.75
N PHE B 229 -19.92 -3.84 15.16
CA PHE B 229 -21.25 -3.38 14.82
C PHE B 229 -22.42 -3.95 15.61
N ARG B 230 -22.18 -4.84 16.55
CA ARG B 230 -23.25 -5.43 17.33
C ARG B 230 -22.70 -5.90 18.64
N PRO B 231 -22.00 -4.92 19.32
CA PRO B 231 -21.24 -5.43 20.45
C PRO B 231 -22.11 -5.85 21.59
N GLU B 232 -23.40 -5.78 21.42
CA GLU B 232 -24.32 -6.27 22.42
C GLU B 232 -23.98 -7.73 22.72
N ASN B 233 -23.62 -8.47 21.68
CA ASN B 233 -22.92 -9.73 21.88
C ASN B 233 -22.06 -10.05 20.67
N TYR B 234 -20.87 -10.58 20.97
CA TYR B 234 -19.88 -10.88 19.97
C TYR B 234 -19.44 -12.32 20.12
N ASP B 235 -20.40 -13.20 20.34
CA ASP B 235 -20.12 -14.62 20.28
C ASP B 235 -20.08 -14.96 18.79
N GLY B 236 -19.10 -15.73 18.35
CA GLY B 236 -18.97 -15.88 16.90
C GLY B 236 -20.16 -16.51 16.21
N ALA B 237 -21.36 -16.10 16.59
CA ALA B 237 -22.54 -16.92 16.40
C ALA B 237 -23.39 -16.26 15.36
N LEU B 238 -23.60 -16.94 14.24
CA LEU B 238 -24.40 -16.35 13.16
C LEU B 238 -25.86 -16.11 13.55
N ASP B 239 -26.22 -14.85 13.56
CA ASP B 239 -27.48 -14.38 14.07
C ASP B 239 -28.23 -13.93 12.86
N VAL B 240 -29.42 -13.39 13.04
CA VAL B 240 -30.12 -12.74 11.95
C VAL B 240 -29.98 -11.23 12.07
N GLU B 241 -29.69 -10.75 13.27
CA GLU B 241 -29.51 -9.32 13.44
C GLU B 241 -28.21 -9.05 12.82
N THR B 242 -27.25 -9.81 13.31
CA THR B 242 -25.88 -9.72 12.86
C THR B 242 -25.88 -9.77 11.32
N ALA B 243 -26.41 -10.83 10.75
CA ALA B 243 -26.48 -10.95 9.31
C ALA B 243 -27.29 -9.84 8.68
N ALA B 244 -28.26 -9.30 9.39
CA ALA B 244 -29.05 -8.27 8.80
C ALA B 244 -28.26 -7.01 8.80
N ILE B 245 -27.46 -6.82 9.82
CA ILE B 245 -26.66 -5.63 9.91
C ILE B 245 -25.81 -5.57 8.68
N LEU B 246 -25.14 -6.69 8.42
CA LEU B 246 -24.23 -6.75 7.31
C LEU B 246 -24.81 -6.18 6.04
N TYR B 247 -25.86 -6.79 5.55
CA TYR B 247 -26.46 -6.31 4.32
C TYR B 247 -26.98 -4.91 4.47
N ALA B 248 -27.14 -4.44 5.70
CA ALA B 248 -27.69 -3.12 5.88
C ALA B 248 -26.64 -2.09 5.59
N LEU B 249 -25.40 -2.52 5.76
CA LEU B 249 -24.26 -1.69 5.49
C LEU B 249 -23.94 -1.85 4.05
N ASN B 250 -23.92 -3.07 3.60
CA ASN B 250 -23.67 -3.29 2.20
C ASN B 250 -24.70 -2.64 1.35
N GLU B 251 -25.83 -2.26 1.92
CA GLU B 251 -26.83 -1.60 1.10
C GLU B 251 -26.41 -0.17 1.01
N LYS B 252 -26.06 0.41 2.16
CA LYS B 252 -25.86 1.84 2.29
C LYS B 252 -24.48 2.24 1.89
N TYR B 253 -23.54 1.30 2.01
CA TYR B 253 -22.15 1.59 1.76
C TYR B 253 -21.60 0.59 0.78
N PRO B 254 -22.05 0.68 -0.45
CA PRO B 254 -21.80 -0.38 -1.42
C PRO B 254 -20.70 0.01 -2.35
N ALA B 255 -20.39 -0.83 -3.33
CA ALA B 255 -19.43 -0.44 -4.35
C ALA B 255 -19.89 0.78 -5.16
N ALA C 1 0.75 5.33 -18.50
CA ALA C 1 0.56 5.16 -17.09
C ALA C 1 -0.83 4.83 -16.68
N FGA C 2 -1.10 3.67 -15.89
CA FGA C 2 -2.40 3.31 -15.48
C FGA C 2 -2.59 1.85 -15.82
O FGA C 2 -1.74 1.01 -15.52
CB FGA C 2 -2.58 3.55 -14.00
CG FGA C 2 -3.98 3.26 -13.57
CD FGA C 2 -4.21 3.53 -12.11
OE1 FGA C 2 -3.25 3.47 -11.39
OXT FGA C 2 -3.62 1.47 -16.40
H FGA C 2 -0.41 3.12 -15.65
HA FGA C 2 -3.05 3.86 -15.96
HB2 FGA C 2 -1.98 2.97 -13.49
HB3 FGA C 2 -2.39 4.48 -13.79
HG2 FGA C 2 -4.58 3.83 -14.09
HG3 FGA C 2 -4.18 2.33 -13.75
N 6CL C 3 -5.53 3.80 -11.64
CA 6CL C 3 -5.92 4.08 -10.30
CB 6CL C 3 -7.41 4.07 -10.17
CG 6CL C 3 -8.01 5.20 -9.37
CD 6CL C 3 -7.48 5.28 -7.97
CE 6CL C 3 -8.44 4.91 -6.87
CZ 6CL C 3 -9.86 5.32 -7.08
OH1 6CL C 3 -9.91 6.46 -7.53
OH2 6CL C 3 -10.61 4.43 -6.68
NZ 6CL C 3 -8.02 5.59 -5.74
C 6CL C 3 -5.25 3.16 -9.31
O 6CL C 3 -4.31 3.67 -8.81
H2 6CL C 3 -6.19 3.82 -12.27
HA 6CL C 3 -5.64 5.00 -10.10
HB2 6CL C 3 -7.65 3.23 -9.74
HB3 6CL C 3 -7.79 4.10 -11.07
HG2 6CL C 3 -7.80 6.04 -9.82
HG3 6CL C 3 -8.98 5.09 -9.34
HD2 6CL C 3 -7.19 6.20 -7.81
HD3 6CL C 3 -6.71 4.70 -7.92
HE 6CL C 3 -8.37 3.95 -6.71
HZ1 6CL C 3 -8.09 6.50 -5.89
HZ2 6CL C 3 -8.53 5.34 -5.03
N DAL C 4 -5.45 1.83 -8.84
CA DAL C 4 -6.41 0.87 -9.13
CB DAL C 4 -6.75 0.97 -10.58
C DAL C 4 -7.58 1.04 -8.17
O DAL C 4 -8.78 1.04 -8.51
OXT DAL C 4 -7.37 1.17 -6.97
H DAL C 4 -4.86 1.56 -8.23
HA DAL C 4 -6.01 0.00 -8.97
HB1 DAL C 4 -6.26 1.69 -11.00
HB2 DAL C 4 -6.50 0.12 -11.02
HB3 DAL C 4 -7.71 1.11 -10.69
N ALA D 1 -0.37 -3.51 18.96
CA ALA D 1 -0.04 -3.07 17.64
C ALA D 1 1.05 -3.87 17.00
N FGA D 2 0.75 -4.56 15.80
CA FGA D 2 1.72 -5.32 15.14
C FGA D 2 0.99 -6.53 14.65
O FGA D 2 -0.25 -6.50 14.61
CB FGA D 2 2.33 -4.50 14.04
CG FGA D 2 3.39 -5.21 13.25
CD FGA D 2 3.99 -4.40 12.15
OE1 FGA D 2 3.49 -3.37 11.87
OXT FGA D 2 1.57 -7.58 14.31
H FGA D 2 -0.09 -4.51 15.47
HA FGA D 2 2.40 -5.58 15.78
HB2 FGA D 2 1.62 -4.21 13.44
HB3 FGA D 2 2.75 -3.71 14.44
HG2 FGA D 2 2.98 -6.02 12.87
HG3 FGA D 2 4.10 -5.49 13.86
N 6CL D 3 5.09 -4.81 11.41
CA 6CL D 3 5.64 -4.04 10.39
CB 6CL D 3 7.01 -4.53 10.06
CG 6CL D 3 7.85 -3.40 9.54
CD 6CL D 3 9.07 -3.93 8.79
CE 6CL D 3 9.40 -3.17 7.51
CZ 6CL D 3 9.59 -4.07 6.37
OH1 6CL D 3 8.55 -4.33 5.70
OH2 6CL D 3 10.82 -4.28 6.43
NZ 6CL D 3 10.69 -2.65 7.59
C 6CL D 3 4.83 -4.05 9.15
O 6CL D 3 4.39 -3.00 8.88
H2 6CL D 3 5.48 -5.61 11.62
HA 6CL D 3 5.73 -3.14 10.72
HB2 6CL D 3 6.95 -5.24 9.39
HB3 6CL D 3 7.42 -4.88 10.87
HG2 6CL D 3 8.14 -2.84 10.28
HG3 6CL D 3 7.30 -2.87 8.93
HD2 6CL D 3 8.91 -4.86 8.56
HD3 6CL D 3 9.85 -3.87 9.38
HE 6CL D 3 8.74 -2.46 7.32
HZ1 6CL D 3 10.68 -1.92 8.14
HZ2 6CL D 3 11.26 -3.27 7.95
N DAL D 4 4.51 -5.07 8.19
CA DAL D 4 4.84 -6.41 8.16
CB DAL D 4 4.74 -6.88 9.58
C DAL D 4 6.18 -6.55 7.49
O DAL D 4 7.19 -7.10 8.01
OXT DAL D 4 6.29 -6.08 6.34
H DAL D 4 3.98 -4.79 7.50
HA DAL D 4 4.17 -6.88 7.63
HB1 DAL D 4 3.99 -6.43 10.01
HB2 DAL D 4 4.62 -7.84 9.61
HB3 DAL D 4 5.56 -6.62 10.05
C1 MAG E . -1.03 6.15 -22.67
C2 MAG E . -0.25 5.59 -21.55
C3 MAG E . 0.57 4.44 -22.20
C4 MAG E . -0.33 3.34 -22.74
C5 MAG E . -1.71 3.81 -23.20
C6 MAG E . -2.79 3.51 -22.18
C7 MAG E . 0.10 7.74 -20.23
C8 MAG E . -1.30 7.87 -19.66
N2 MAG E . 0.54 6.67 -21.06
O1 MAG E . -1.97 7.10 -22.16
O3 MAG E . 1.48 3.85 -21.30
O4 MAG E . 0.34 2.74 -23.84
O5 MAG E . -1.70 5.20 -23.46
O6 MAG E . -3.96 3.03 -22.77
O7 MAG E . 0.89 8.59 -19.94
CM MAG E . -2.81 7.71 -23.16
H1 MAG E . -0.41 6.59 -23.25
H2 MAG E . -0.84 5.24 -20.84
H3 MAG E . 1.07 4.81 -22.95
H4 MAG E . -0.44 2.69 -22.02
H5 MAG E . -1.94 3.34 -24.03
H61 MAG E . -2.46 2.85 -21.54
H62 MAG E . -2.99 4.33 -21.70
H81 MAG E . -1.68 6.97 -19.54
H82 MAG E . -1.26 8.33 -18.80
H83 MAG E . -1.85 8.38 -20.27
HN2 MAG E . 1.40 6.71 -21.34
HO3 MAG E . 1.73 4.44 -20.70
HO6 MAG E . -4.42 2.55 -22.16
HM1 MAG E . -2.59 8.67 -23.21
HM2 MAG E . -2.67 7.30 -24.04
HM3 MAG E . -3.76 7.61 -22.89
C1 NAG E . 0.06 1.37 -24.13
C2 NAG E . 1.35 0.67 -24.44
C3 NAG E . 1.22 -0.84 -24.64
C4 NAG E . 0.07 -1.55 -23.94
C5 NAG E . -0.93 -0.64 -23.31
C6 NAG E . -1.31 -1.10 -21.93
C7 NAG E . 3.32 1.15 -25.78
C8 NAG E . 3.86 1.70 -27.09
N2 NAG E . 1.92 1.16 -25.62
O3 NAG E . 2.44 -1.32 -24.18
O4 NAG E . -0.57 -2.35 -24.95
O5 NAG E . -0.45 0.66 -23.04
O6 NAG E . -1.32 0.06 -21.13
O7 NAG E . 4.03 0.74 -24.90
H1 NAG E . -0.55 1.29 -24.87
H2 NAG E . 1.96 0.85 -23.70
H3 NAG E . 1.16 -1.02 -25.60
H4 NAG E . 0.44 -2.15 -23.26
H5 NAG E . -1.73 -0.58 -23.87
H61 NAG E . -0.63 -1.74 -21.60
H62 NAG E . -2.19 -1.50 -21.93
H81 NAG E . 4.51 1.08 -27.46
H82 NAG E . 3.11 1.81 -27.72
H83 NAG E . 4.29 2.58 -26.93
HN2 NAG E . 1.39 1.47 -26.29
HO3 NAG E . 3.11 -1.00 -24.66
HO6 NAG E . -1.89 0.64 -21.47
C1 NAG E . -1.48 -3.44 -24.60
C2 NAG E . -0.94 -4.78 -25.03
C3 NAG E . -2.03 -5.79 -24.91
C4 NAG E . -2.77 -5.78 -23.59
C5 NAG E . -3.00 -4.36 -23.10
C6 NAG E . -3.39 -4.41 -21.65
C7 NAG E . 0.06 -5.66 -27.26
C8 NAG E . 0.35 -7.10 -26.86
N2 NAG E . -0.52 -4.65 -26.42
O3 NAG E . -1.58 -7.10 -24.96
O4 NAG E . -3.96 -6.47 -23.83
O5 NAG E . -1.84 -3.57 -23.28
O6 NAG E . -4.80 -4.57 -21.57
O7 NAG E . 0.33 -5.32 -28.37
H1 NAG E . -2.27 -3.27 -25.15
H2 NAG E . -0.19 -5.05 -24.46
H3 NAG E . -2.68 -5.65 -25.63
H4 NAG E . -2.24 -6.26 -22.94
H5 NAG E . -3.74 -3.96 -23.61
H61 NAG E . -3.12 -3.58 -21.22
H62 NAG E . -2.94 -5.17 -21.22
H81 NAG E . 1.13 -7.43 -27.35
H82 NAG E . 0.51 -7.14 -25.90
H83 NAG E . -0.43 -7.65 -27.08
HN2 NAG E . -0.62 -3.84 -26.84
HO3 NAG E . -2.27 -7.65 -25.07
HO4 NAG E . -4.61 -5.92 -24.05
HO6 NAG E . -5.07 -5.22 -22.12
C1 MAG F . 1.08 -5.54 22.89
C2 MAG F . 0.37 -5.16 21.63
C3 MAG F . -0.95 -5.92 21.46
C4 MAG F . -0.74 -7.38 21.70
C5 MAG F . -0.44 -7.44 23.16
C6 MAG F . -0.39 -8.81 23.71
C7 MAG F . 0.93 -2.71 21.83
C8 MAG F . 2.35 -2.87 22.29
N2 MAG F . 0.04 -3.76 21.55
O1 MAG F . 2.48 -5.59 22.67
O3 MAG F . -1.45 -5.69 20.18
O4 MAG F . -1.96 -8.00 21.35
O5 MAG F . 0.82 -6.83 23.32
O6 MAG F . -0.55 -8.70 25.10
O7 MAG F . 0.54 -1.60 21.72
CM MAG F . 3.26 -5.30 23.84
H1 MAG F . 0.88 -4.90 23.59
H2 MAG F . 0.94 -5.40 20.88
H3 MAG F . -1.60 -5.58 22.10
H4 MAG F . 0.00 -7.73 21.17
H5 MAG F . -1.11 -6.94 23.67
H61 MAG F . -1.10 -9.37 23.37
H62 MAG F . 0.48 -9.21 23.51
H81 MAG F . 2.81 -2.01 22.19
H82 MAG F . 2.36 -3.13 23.23
H83 MAG F . 2.79 -3.53 21.74
HN2 MAG F . -0.78 -3.51 21.28
HO3 MAG F . -2.09 -5.09 20.25
HO6 MAG F . 0.07 -8.14 25.43
HM1 MAG F . 3.25 -4.34 24.01
HM2 MAG F . 2.88 -5.77 24.61
HM3 MAG F . 4.20 -5.59 23.70
C1 NAG F . -1.85 -9.37 21.05
C2 NAG F . -3.22 -9.90 20.99
C3 NAG F . -3.04 -11.38 20.73
C4 NAG F . -2.61 -11.48 19.29
C5 NAG F . -1.20 -10.93 19.26
C6 NAG F . -0.53 -10.85 17.92
C7 NAG F . -4.93 -8.66 22.22
C8 NAG F . -5.75 -8.43 23.47
N2 NAG F . -3.99 -9.74 22.15
O3 NAG F . -4.24 -11.95 21.10
O4 NAG F . -2.67 -12.77 18.64
O5 NAG F . -1.25 -9.60 19.80
O6 NAG F . 0.51 -9.89 17.97
O7 NAG F . -5.05 -7.90 21.30
H1 NAG F . -1.35 -9.83 21.74
H2 NAG F . -3.70 -9.51 20.24
H3 NAG F . -2.34 -11.74 21.30
H4 NAG F . -3.16 -10.88 18.76
H5 NAG F . -0.65 -11.49 19.85
H61 NAG F . -0.15 -11.73 17.69
H62 NAG F . -1.18 -10.59 17.24
H81 NAG F . -6.62 -8.86 23.37
H82 NAG F . -5.27 -8.82 24.25
H83 NAG F . -5.88 -7.46 23.61
HN2 NAG F . -3.89 -10.31 22.86
HO3 NAG F . -4.94 -11.60 20.66
HO6 NAG F . 0.94 -9.87 17.20
C1 NAG F . -3.02 -14.00 19.28
C2 NAG F . -4.21 -14.66 18.63
C3 NAG F . -4.39 -15.95 19.29
C4 NAG F . -3.24 -16.86 18.90
C5 NAG F . -1.88 -16.22 19.14
C6 NAG F . -0.91 -16.87 18.19
C7 NAG F . -6.01 -13.69 20.04
C8 NAG F . -7.35 -13.01 20.24
N2 NAG F . -5.50 -14.05 18.77
O3 NAG F . -5.62 -16.43 18.83
O4 NAG F . -3.23 -18.00 19.67
O5 NAG F . -1.92 -14.81 18.98
O6 NAG F . -1.05 -18.30 18.26
O7 NAG F . -5.29 -13.84 20.98
H1 NAG F . -3.13 -13.87 20.24
H2 NAG F . -4.01 -14.81 17.69
H3 NAG F . -4.43 -15.83 20.26
H4 NAG F . -3.32 -17.09 17.95
H5 NAG F . -1.61 -16.43 20.06
H61 NAG F . -1.10 -16.58 17.28
H62 NAG F . 0.01 -16.62 18.43
H81 NAG F . -7.89 -13.53 20.88
H82 NAG F . -7.20 -12.10 20.61
H83 NAG F . -7.82 -12.95 19.39
HN2 NAG F . -6.01 -13.93 18.03
HO3 NAG F . -5.57 -16.57 17.96
HO4 NAG F . -2.59 -18.54 19.39
HO6 NAG F . -0.27 -18.69 18.10
ZN ZN G . 3.64 3.47 -17.16
ZN ZN H . -3.86 -3.18 17.32
#